data_7CP7
#
_entry.id   7CP7
#
_cell.length_a   55.563
_cell.length_b   68.350
_cell.length_c   121.895
_cell.angle_alpha   90.000
_cell.angle_beta   90.000
_cell.angle_gamma   90.000
#
_symmetry.space_group_name_H-M   'P 21 21 21'
#
loop_
_entity.id
_entity.type
_entity.pdbx_description
1 polymer 'MAK1-like monooxygenase'
2 non-polymer 'FLAVIN-ADENINE DINUCLEOTIDE'
3 non-polymer 'IODIDE ION'
4 water water
#
_entity_poly.entity_id   1
_entity_poly.type   'polypeptide(L)'
_entity_poly.pdbx_seq_one_letter_code
;MTINTALPTPRAPTGISVIVVGLGFGGLTAAIESHLRGHSVILLEKVTKVKQDAGDAIVIGPNAVRLIKSWGEQLCEEIE
PHLSNATHAEMLDHHDRFIVRHELAGRGKGWFTNRGRLISILYEHARKLGIDIRLGSRVTKYWEEDGRAGVIVNDRERLA
ADCVICADGVHSAARAWLTGQVDTQQHSGWANFRAHMTTEQLAKDPEASWVLQGTREKDRVYVWFGDGINLAIMTMKRGQ
ELAWALMHTDKFNAHESWAGGRASIDDALATLSPWPGRLRPSSVIRHTLPEKLVDHALIYRPPLDTWVSAGGRVMLIGDA
AHPYFPVVGQGGSQAIEDGVVVATALELAGKENVPLALRVAEKIRYPRATVIQLGSSTLQEHLFWPDWEAVAKDPSVFAF
PNPEWILGHDCREYTHQVFDTVVRAVRGEGEYIPRNIPADGAYRVEDTYSPEGHHHHHH
;
_entity_poly.pdbx_strand_id   A
#
# COMPACT_ATOMS: atom_id res chain seq x y z
N ALA A 6 -25.33 -0.34 13.47
CA ALA A 6 -24.91 -1.41 14.36
C ALA A 6 -23.46 -1.78 14.06
N LEU A 7 -22.60 -1.67 15.07
CA LEU A 7 -21.21 -2.10 14.97
C LEU A 7 -21.12 -3.60 15.18
N PRO A 8 -20.32 -4.31 14.37
CA PRO A 8 -20.22 -5.77 14.53
C PRO A 8 -19.66 -6.14 15.90
N THR A 9 -20.32 -7.11 16.53
CA THR A 9 -19.88 -7.56 17.85
C THR A 9 -18.83 -8.64 17.70
N PRO A 10 -17.69 -8.52 18.40
CA PRO A 10 -16.61 -9.50 18.23
C PRO A 10 -17.04 -10.89 18.68
N ARG A 11 -16.35 -11.89 18.13
CA ARG A 11 -16.61 -13.28 18.49
C ARG A 11 -16.15 -13.55 19.92
N ALA A 12 -16.36 -14.78 20.37
CA ALA A 12 -15.97 -15.16 21.73
C ALA A 12 -14.46 -15.04 21.90
N PRO A 13 -13.98 -14.59 23.07
CA PRO A 13 -12.54 -14.50 23.30
C PRO A 13 -11.78 -15.78 22.97
N THR A 14 -10.82 -15.67 22.05
CA THR A 14 -9.99 -16.80 21.68
C THR A 14 -8.89 -17.09 22.70
N GLY A 15 -8.68 -16.21 23.68
CA GLY A 15 -7.55 -16.35 24.57
C GLY A 15 -6.22 -16.00 23.94
N ILE A 16 -6.23 -15.44 22.74
CA ILE A 16 -5.01 -15.11 22.01
C ILE A 16 -4.77 -13.60 22.10
N SER A 17 -3.68 -13.21 22.77
CA SER A 17 -3.26 -11.83 22.83
C SER A 17 -2.33 -11.53 21.67
N VAL A 18 -2.54 -10.39 21.01
CA VAL A 18 -1.80 -10.01 19.82
C VAL A 18 -1.24 -8.61 20.01
N ILE A 19 0.04 -8.44 19.66
CA ILE A 19 0.67 -7.13 19.56
C ILE A 19 0.81 -6.80 18.09
N VAL A 20 0.23 -5.68 17.67
CA VAL A 20 0.29 -5.22 16.29
C VAL A 20 1.09 -3.93 16.25
N VAL A 21 2.11 -3.89 15.38
CA VAL A 21 2.99 -2.74 15.25
C VAL A 21 2.62 -2.01 13.97
N GLY A 22 2.26 -0.74 14.08
CA GLY A 22 1.98 0.10 12.94
C GLY A 22 0.50 0.45 12.80
N LEU A 23 0.24 1.70 12.44
CA LEU A 23 -1.11 2.18 12.18
C LEU A 23 -1.34 2.39 10.69
N GLY A 24 -0.64 1.64 9.86
CA GLY A 24 -0.87 1.64 8.43
C GLY A 24 -2.03 0.74 8.07
N PHE A 25 -2.06 0.33 6.80
CA PHE A 25 -3.14 -0.53 6.35
C PHE A 25 -3.01 -1.94 6.90
N GLY A 26 -1.79 -2.49 6.95
CA GLY A 26 -1.61 -3.82 7.49
C GLY A 26 -1.93 -3.90 8.97
N GLY A 27 -1.43 -2.93 9.74
CA GLY A 27 -1.63 -2.96 11.18
C GLY A 27 -3.08 -2.76 11.59
N LEU A 28 -3.72 -1.71 11.05
CA LEU A 28 -5.12 -1.47 11.36
C LEU A 28 -5.99 -2.64 10.92
N THR A 29 -5.67 -3.24 9.77
CA THR A 29 -6.44 -4.40 9.31
C THR A 29 -6.29 -5.56 10.29
N ALA A 30 -5.04 -5.93 10.61
CA ALA A 30 -4.81 -7.04 11.53
C ALA A 30 -5.46 -6.79 12.87
N ALA A 31 -5.42 -5.55 13.36
CA ALA A 31 -5.99 -5.24 14.67
C ALA A 31 -7.51 -5.37 14.65
N ILE A 32 -8.16 -4.78 13.64
CA ILE A 32 -9.62 -4.82 13.58
C ILE A 32 -10.12 -6.23 13.36
N GLU A 33 -9.55 -6.93 12.37
CA GLU A 33 -9.99 -8.30 12.07
C GLU A 33 -9.74 -9.22 13.25
N SER A 34 -8.60 -9.05 13.94
CA SER A 34 -8.32 -9.87 15.12
C SER A 34 -9.31 -9.59 16.23
N HIS A 35 -9.62 -8.31 16.47
CA HIS A 35 -10.58 -7.96 17.51
C HIS A 35 -11.93 -8.61 17.26
N LEU A 36 -12.45 -8.46 16.04
CA LEU A 36 -13.75 -9.02 15.70
C LEU A 36 -13.76 -10.55 15.71
N ARG A 37 -12.60 -11.18 15.53
CA ARG A 37 -12.49 -12.63 15.58
C ARG A 37 -12.20 -13.16 16.98
N GLY A 38 -12.34 -12.32 18.01
CA GLY A 38 -12.22 -12.76 19.38
C GLY A 38 -10.83 -12.70 19.98
N HIS A 39 -9.89 -12.02 19.35
CA HIS A 39 -8.54 -11.91 19.89
C HIS A 39 -8.42 -10.67 20.75
N SER A 40 -7.38 -10.66 21.59
CA SER A 40 -7.10 -9.54 22.48
C SER A 40 -5.97 -8.73 21.87
N VAL A 41 -6.30 -7.51 21.41
CA VAL A 41 -5.43 -6.74 20.52
C VAL A 41 -4.95 -5.48 21.23
N ILE A 42 -3.67 -5.16 21.04
CA ILE A 42 -3.12 -3.85 21.33
C ILE A 42 -2.30 -3.43 20.11
N LEU A 43 -2.51 -2.20 19.64
CA LEU A 43 -1.82 -1.69 18.47
C LEU A 43 -0.89 -0.57 18.90
N LEU A 44 0.35 -0.64 18.45
CA LEU A 44 1.40 0.32 18.81
C LEU A 44 1.84 1.09 17.57
N GLU A 45 1.79 2.42 17.67
CA GLU A 45 2.16 3.31 16.58
C GLU A 45 2.97 4.46 17.13
N LYS A 46 4.03 4.85 16.41
CA LYS A 46 4.97 5.83 16.93
C LYS A 46 4.50 7.26 16.74
N VAL A 47 3.70 7.54 15.72
CA VAL A 47 3.25 8.90 15.48
C VAL A 47 2.13 9.26 16.45
N THR A 48 1.90 10.56 16.61
CA THR A 48 0.88 11.06 17.52
C THR A 48 -0.47 11.24 16.85
N LYS A 49 -0.49 11.47 15.54
CA LYS A 49 -1.72 11.64 14.80
C LYS A 49 -1.54 11.04 13.41
N VAL A 50 -2.67 10.69 12.79
CA VAL A 50 -2.64 10.27 11.40
C VAL A 50 -2.25 11.45 10.53
N LYS A 51 -1.21 11.29 9.74
CA LYS A 51 -0.75 12.37 8.88
C LYS A 51 -1.77 12.63 7.77
N GLN A 52 -2.11 13.90 7.58
CA GLN A 52 -3.08 14.32 6.58
C GLN A 52 -2.34 15.04 5.45
N ASP A 53 -2.45 14.52 4.23
CA ASP A 53 -1.82 15.11 3.05
C ASP A 53 -2.83 15.04 1.92
N ALA A 54 -3.26 16.21 1.44
CA ALA A 54 -4.28 16.29 0.39
C ALA A 54 -3.81 15.70 -0.94
N GLY A 55 -2.50 15.51 -1.12
CA GLY A 55 -1.94 14.94 -2.33
C GLY A 55 -1.63 13.46 -2.28
N ASP A 56 -1.81 12.82 -1.12
CA ASP A 56 -1.53 11.39 -0.98
C ASP A 56 -2.76 10.60 -1.43
N ALA A 57 -2.90 10.49 -2.75
CA ALA A 57 -4.02 9.76 -3.34
C ALA A 57 -3.61 8.32 -3.60
N ILE A 58 -4.53 7.39 -3.30
CA ILE A 58 -4.27 5.96 -3.41
C ILE A 58 -5.50 5.26 -3.94
N VAL A 59 -5.29 4.10 -4.56
CA VAL A 59 -6.36 3.27 -5.09
C VAL A 59 -6.42 1.98 -4.28
N ILE A 60 -7.56 1.74 -3.64
CA ILE A 60 -7.82 0.50 -2.93
C ILE A 60 -8.66 -0.38 -3.84
N GLY A 61 -8.17 -1.58 -4.13
CA GLY A 61 -8.83 -2.48 -5.05
C GLY A 61 -10.05 -3.15 -4.43
N PRO A 62 -10.96 -3.62 -5.29
CA PRO A 62 -12.16 -4.29 -4.79
C PRO A 62 -11.88 -5.47 -3.86
N ASN A 63 -10.75 -6.16 -4.05
CA ASN A 63 -10.40 -7.29 -3.18
C ASN A 63 -10.17 -6.86 -1.74
N ALA A 64 -9.81 -5.60 -1.50
CA ALA A 64 -9.68 -5.08 -0.15
C ALA A 64 -10.91 -4.33 0.32
N VAL A 65 -11.67 -3.75 -0.61
CA VAL A 65 -12.89 -3.02 -0.23
C VAL A 65 -13.90 -3.99 0.37
N ARG A 66 -14.04 -5.19 -0.22
CA ARG A 66 -14.98 -6.17 0.31
C ARG A 66 -14.60 -6.57 1.73
N LEU A 67 -13.31 -6.63 2.03
CA LEU A 67 -12.87 -6.93 3.39
C LEU A 67 -13.23 -5.80 4.34
N ILE A 68 -12.95 -4.56 3.94
CA ILE A 68 -13.22 -3.41 4.79
C ILE A 68 -14.73 -3.27 5.04
N LYS A 69 -15.55 -3.60 4.03
CA LYS A 69 -16.99 -3.44 4.17
C LYS A 69 -17.57 -4.34 5.24
N SER A 70 -16.97 -5.52 5.45
CA SER A 70 -17.46 -6.44 6.47
C SER A 70 -17.08 -6.02 7.89
N TRP A 71 -16.58 -4.81 8.08
CA TRP A 71 -16.31 -4.26 9.39
C TRP A 71 -17.36 -3.26 9.84
N GLY A 72 -18.30 -2.90 8.98
CA GLY A 72 -19.32 -1.92 9.29
C GLY A 72 -19.82 -1.18 8.07
N GLU A 73 -21.14 -1.02 7.98
CA GLU A 73 -21.72 -0.31 6.84
C GLU A 73 -21.51 1.19 6.91
N GLN A 74 -21.25 1.73 8.10
CA GLN A 74 -21.02 3.16 8.25
C GLN A 74 -19.83 3.63 7.42
N LEU A 75 -18.87 2.74 7.17
CA LEU A 75 -17.64 3.14 6.49
C LEU A 75 -17.90 3.55 5.04
N CYS A 76 -18.78 2.82 4.34
CA CYS A 76 -19.10 3.19 2.97
C CYS A 76 -19.66 4.60 2.89
N GLU A 77 -20.53 4.95 3.83
CA GLU A 77 -21.08 6.31 3.89
C GLU A 77 -20.09 7.31 4.48
N GLU A 78 -19.02 6.83 5.13
CA GLU A 78 -18.04 7.75 5.70
C GLU A 78 -16.99 8.17 4.67
N ILE A 79 -16.58 7.25 3.80
CA ILE A 79 -15.54 7.54 2.80
C ILE A 79 -16.13 8.05 1.49
N GLU A 80 -17.44 7.96 1.31
CA GLU A 80 -18.08 8.35 0.05
C GLU A 80 -17.69 9.74 -0.45
N PRO A 81 -17.78 10.82 0.35
CA PRO A 81 -17.39 12.13 -0.17
C PRO A 81 -15.90 12.26 -0.48
N HIS A 82 -15.08 11.30 -0.06
CA HIS A 82 -13.65 11.31 -0.32
C HIS A 82 -13.26 10.46 -1.52
N LEU A 83 -14.23 9.85 -2.19
CA LEU A 83 -13.97 9.01 -3.35
C LEU A 83 -13.97 9.86 -4.62
N SER A 84 -12.93 9.71 -5.42
CA SER A 84 -12.85 10.42 -6.70
C SER A 84 -13.77 9.76 -7.72
N ASN A 85 -14.42 10.59 -8.53
CA ASN A 85 -15.29 10.09 -9.60
C ASN A 85 -14.54 9.90 -10.91
N ALA A 86 -13.22 9.77 -10.86
CA ALA A 86 -12.44 9.57 -12.08
C ALA A 86 -12.66 8.17 -12.64
N THR A 87 -12.69 8.09 -13.96
CA THR A 87 -12.95 6.83 -14.66
C THR A 87 -11.82 6.39 -15.58
N HIS A 88 -11.05 7.33 -16.13
CA HIS A 88 -10.06 7.00 -17.14
C HIS A 88 -8.76 7.75 -16.86
N ALA A 89 -7.67 7.19 -17.37
CA ALA A 89 -6.34 7.81 -17.30
C ALA A 89 -5.81 7.97 -18.72
N GLU A 90 -5.47 9.20 -19.09
CA GLU A 90 -4.96 9.50 -20.42
C GLU A 90 -3.46 9.27 -20.44
N MET A 91 -3.04 8.19 -21.08
CA MET A 91 -1.61 7.89 -21.18
C MET A 91 -0.98 8.67 -22.32
N LEU A 92 0.21 9.20 -22.09
CA LEU A 92 0.97 9.88 -23.13
C LEU A 92 2.44 9.52 -22.98
N ASP A 93 3.19 9.72 -24.07
CA ASP A 93 4.61 9.41 -24.07
C ASP A 93 5.39 10.63 -23.60
N HIS A 94 6.72 10.53 -23.62
CA HIS A 94 7.59 11.62 -23.25
C HIS A 94 7.68 12.70 -24.32
N HIS A 95 7.09 12.48 -25.49
CA HIS A 95 6.91 13.53 -26.48
C HIS A 95 5.59 14.25 -26.31
N ASP A 96 4.84 13.94 -25.24
CA ASP A 96 3.54 14.55 -25.00
C ASP A 96 2.55 14.21 -26.11
N ARG A 97 2.63 12.99 -26.63
CA ARG A 97 1.75 12.51 -27.69
C ARG A 97 0.79 11.47 -27.13
N PHE A 98 -0.47 11.57 -27.53
CA PHE A 98 -1.53 10.71 -26.98
C PHE A 98 -1.28 9.26 -27.32
N ILE A 99 -1.38 8.40 -26.31
CA ILE A 99 -1.28 6.95 -26.50
C ILE A 99 -2.68 6.36 -26.47
N VAL A 100 -3.30 6.41 -25.31
CA VAL A 100 -4.60 5.77 -25.11
C VAL A 100 -5.21 6.31 -23.83
N ARG A 101 -6.54 6.30 -23.77
CA ARG A 101 -7.27 6.39 -22.52
C ARG A 101 -7.70 5.01 -22.10
N HIS A 102 -7.53 4.70 -20.82
CA HIS A 102 -7.95 3.42 -20.29
C HIS A 102 -8.65 3.64 -18.96
N GLU A 103 -9.64 2.78 -18.71
CA GLU A 103 -10.29 2.73 -17.42
C GLU A 103 -9.28 2.48 -16.31
N LEU A 104 -9.54 3.06 -15.15
CA LEU A 104 -8.84 2.66 -13.94
C LEU A 104 -9.35 1.28 -13.54
N ALA A 105 -8.47 0.49 -12.91
CA ALA A 105 -8.82 -0.90 -12.61
C ALA A 105 -10.01 -0.98 -11.67
N GLY A 106 -10.65 -2.15 -11.66
CA GLY A 106 -11.71 -2.43 -10.72
C GLY A 106 -13.12 -2.20 -11.25
N ARG A 107 -13.27 -1.55 -12.41
CA ARG A 107 -14.59 -1.30 -13.00
C ARG A 107 -15.46 -0.45 -12.08
N GLY A 108 -14.83 0.47 -11.35
CA GLY A 108 -15.55 1.32 -10.43
C GLY A 108 -15.93 0.68 -9.12
N LYS A 109 -15.50 -0.55 -8.86
CA LYS A 109 -15.80 -1.21 -7.60
C LYS A 109 -14.74 -0.95 -6.54
N GLY A 110 -13.62 -0.32 -6.90
CA GLY A 110 -12.60 0.04 -5.94
C GLY A 110 -12.77 1.46 -5.42
N TRP A 111 -11.80 1.88 -4.62
CA TRP A 111 -11.81 3.19 -3.98
C TRP A 111 -10.59 3.99 -4.40
N PHE A 112 -10.83 5.10 -5.08
CA PHE A 112 -9.79 6.07 -5.42
C PHE A 112 -9.97 7.26 -4.49
N THR A 113 -9.12 7.37 -3.47
CA THR A 113 -9.36 8.33 -2.40
C THR A 113 -8.03 8.74 -1.77
N ASN A 114 -8.13 9.49 -0.67
CA ASN A 114 -6.98 10.02 0.06
C ASN A 114 -6.58 9.04 1.15
N ARG A 115 -5.27 8.97 1.40
CA ARG A 115 -4.74 7.99 2.36
C ARG A 115 -5.09 8.37 3.79
N GLY A 116 -4.74 9.59 4.21
CA GLY A 116 -4.94 9.97 5.59
C GLY A 116 -6.40 9.99 6.01
N ARG A 117 -7.30 10.31 5.08
CA ARG A 117 -8.72 10.31 5.40
C ARG A 117 -9.30 8.91 5.52
N LEU A 118 -8.76 7.95 4.76
CA LEU A 118 -9.18 6.57 4.93
C LEU A 118 -8.59 5.98 6.21
N ILE A 119 -7.33 6.30 6.50
CA ILE A 119 -6.69 5.81 7.73
C ILE A 119 -7.39 6.39 8.96
N SER A 120 -7.79 7.66 8.88
CA SER A 120 -8.49 8.28 10.00
C SER A 120 -9.85 7.62 10.26
N ILE A 121 -10.56 7.24 9.19
CA ILE A 121 -11.84 6.58 9.36
C ILE A 121 -11.65 5.19 9.97
N LEU A 122 -10.64 4.45 9.50
CA LEU A 122 -10.35 3.14 10.09
C LEU A 122 -9.84 3.26 11.52
N TYR A 123 -9.11 4.34 11.82
CA TYR A 123 -8.66 4.57 13.19
C TYR A 123 -9.83 4.86 14.12
N GLU A 124 -10.79 5.68 13.67
CA GLU A 124 -11.95 5.98 14.49
C GLU A 124 -12.86 4.77 14.65
N HIS A 125 -13.07 4.02 13.55
CA HIS A 125 -13.90 2.83 13.63
C HIS A 125 -13.31 1.81 14.60
N ALA A 126 -11.99 1.73 14.68
CA ALA A 126 -11.35 0.82 15.62
C ALA A 126 -11.57 1.28 17.06
N ARG A 127 -11.60 2.59 17.29
CA ARG A 127 -11.84 3.11 18.64
C ARG A 127 -13.28 2.86 19.07
N LYS A 128 -14.24 3.06 18.15
CA LYS A 128 -15.63 2.73 18.46
C LYS A 128 -15.78 1.26 18.86
N LEU A 129 -14.98 0.38 18.25
CA LEU A 129 -15.01 -1.02 18.61
C LEU A 129 -14.35 -1.31 19.95
N GLY A 130 -13.63 -0.34 20.51
CA GLY A 130 -12.98 -0.53 21.80
C GLY A 130 -11.63 -1.20 21.74
N ILE A 131 -10.87 -0.97 20.66
CA ILE A 131 -9.55 -1.57 20.50
C ILE A 131 -8.51 -0.66 21.15
N ASP A 132 -7.58 -1.27 21.88
CA ASP A 132 -6.54 -0.54 22.61
C ASP A 132 -5.47 -0.11 21.62
N ILE A 133 -5.52 1.15 21.20
CA ILE A 133 -4.56 1.73 20.28
C ILE A 133 -3.73 2.75 21.05
N ARG A 134 -2.41 2.52 21.11
CA ARG A 134 -1.46 3.36 21.84
C ARG A 134 -0.61 4.12 20.83
N LEU A 135 -0.89 5.40 20.67
CA LEU A 135 -0.11 6.25 19.78
C LEU A 135 1.11 6.77 20.52
N GLY A 136 2.03 7.40 19.79
CA GLY A 136 3.26 7.88 20.42
C GLY A 136 4.05 6.78 21.08
N SER A 137 4.01 5.57 20.52
CA SER A 137 4.61 4.38 21.12
C SER A 137 5.58 3.79 20.10
N ARG A 138 6.86 4.10 20.24
CA ARG A 138 7.88 3.64 19.31
C ARG A 138 8.34 2.24 19.70
N VAL A 139 8.20 1.31 18.77
CA VAL A 139 8.50 -0.10 19.01
C VAL A 139 9.94 -0.40 18.60
N THR A 140 10.65 -1.14 19.44
CA THR A 140 12.02 -1.56 19.16
C THR A 140 12.33 -2.80 19.97
N LYS A 141 13.53 -3.34 19.75
CA LYS A 141 14.08 -4.46 20.51
C LYS A 141 13.09 -5.62 20.60
N TYR A 142 12.73 -6.15 19.43
CA TYR A 142 11.89 -7.34 19.37
C TYR A 142 12.56 -8.49 20.10
N TRP A 143 11.75 -9.33 20.73
CA TRP A 143 12.27 -10.44 21.51
C TRP A 143 11.28 -11.60 21.47
N GLU A 144 11.78 -12.81 21.67
CA GLU A 144 10.95 -13.99 21.53
C GLU A 144 11.46 -15.10 22.43
N GLU A 145 10.52 -15.82 23.04
CA GLU A 145 10.81 -16.98 23.88
C GLU A 145 9.85 -18.11 23.48
N ASP A 146 9.96 -19.23 24.19
CA ASP A 146 9.01 -20.32 24.01
C ASP A 146 7.69 -19.95 24.68
N GLY A 147 6.63 -19.85 23.88
CA GLY A 147 5.30 -19.56 24.39
C GLY A 147 4.89 -18.10 24.32
N ARG A 148 5.83 -17.18 24.09
CA ARG A 148 5.50 -15.77 24.09
C ARG A 148 6.52 -14.99 23.27
N ALA A 149 6.10 -13.80 22.84
CA ALA A 149 6.96 -12.86 22.15
C ALA A 149 6.55 -11.46 22.55
N GLY A 150 7.38 -10.48 22.23
CA GLY A 150 7.06 -9.14 22.64
C GLY A 150 8.02 -8.11 22.07
N VAL A 151 7.88 -6.88 22.59
CA VAL A 151 8.60 -5.71 22.10
C VAL A 151 8.91 -4.80 23.29
N ILE A 152 9.74 -3.79 23.03
CA ILE A 152 10.03 -2.72 23.98
C ILE A 152 9.48 -1.43 23.40
N VAL A 153 8.63 -0.75 24.17
CA VAL A 153 8.02 0.50 23.73
C VAL A 153 8.77 1.66 24.38
N ASN A 154 9.30 2.56 23.55
CA ASN A 154 9.95 3.79 24.01
C ASN A 154 11.10 3.50 24.97
N ASP A 155 11.71 2.31 24.83
CA ASP A 155 12.87 1.90 25.63
C ASP A 155 12.61 2.03 27.12
N ARG A 156 11.34 1.88 27.52
CA ARG A 156 10.95 1.90 28.93
C ARG A 156 9.95 0.81 29.31
N GLU A 157 9.13 0.33 28.39
CA GLU A 157 8.03 -0.56 28.70
C GLU A 157 8.18 -1.83 27.87
N ARG A 158 8.03 -2.98 28.52
CA ARG A 158 8.10 -4.27 27.86
C ARG A 158 6.72 -4.89 27.78
N LEU A 159 6.34 -5.33 26.59
CA LEU A 159 5.06 -5.99 26.37
C LEU A 159 5.30 -7.43 25.94
N ALA A 160 4.38 -8.31 26.33
CA ALA A 160 4.49 -9.73 26.03
C ALA A 160 3.12 -10.24 25.60
N ALA A 161 3.10 -11.13 24.61
CA ALA A 161 1.84 -11.63 24.06
C ALA A 161 2.09 -12.98 23.40
N ASP A 162 1.01 -13.56 22.88
CA ASP A 162 1.10 -14.84 22.16
C ASP A 162 1.82 -14.68 20.83
N CYS A 163 1.65 -13.55 20.15
CA CYS A 163 2.32 -13.32 18.88
C CYS A 163 2.43 -11.82 18.63
N VAL A 164 3.36 -11.47 17.75
CA VAL A 164 3.60 -10.07 17.38
C VAL A 164 3.49 -9.97 15.86
N ILE A 165 2.56 -9.16 15.39
CA ILE A 165 2.38 -8.91 13.96
C ILE A 165 2.98 -7.54 13.63
N CYS A 166 4.00 -7.54 12.78
CA CYS A 166 4.80 -6.36 12.51
C CYS A 166 4.40 -5.77 11.16
N ALA A 167 3.72 -4.63 11.19
CA ALA A 167 3.37 -3.90 9.97
C ALA A 167 3.97 -2.51 10.02
N ASP A 168 5.28 -2.42 10.23
CA ASP A 168 5.97 -1.15 10.46
C ASP A 168 6.56 -0.57 9.18
N GLY A 169 6.08 -0.98 8.01
CA GLY A 169 6.41 -0.32 6.78
C GLY A 169 7.71 -0.80 6.17
N VAL A 170 8.13 -0.07 5.12
CA VAL A 170 9.35 -0.41 4.40
C VAL A 170 10.56 -0.26 5.30
N HIS A 171 10.57 0.76 6.15
CA HIS A 171 11.67 0.99 7.09
C HIS A 171 11.46 0.18 8.36
N SER A 172 11.40 -1.13 8.17
CA SER A 172 11.00 -2.05 9.24
C SER A 172 12.20 -2.46 10.07
N ALA A 173 12.18 -2.12 11.36
CA ALA A 173 13.19 -2.65 12.26
C ALA A 173 12.91 -4.12 12.57
N ALA A 174 11.64 -4.55 12.46
CA ALA A 174 11.30 -5.95 12.66
C ALA A 174 11.94 -6.82 11.59
N ARG A 175 11.93 -6.36 10.34
CA ARG A 175 12.57 -7.10 9.26
C ARG A 175 14.06 -7.30 9.55
N ALA A 176 14.75 -6.22 9.91
CA ALA A 176 16.16 -6.32 10.23
C ALA A 176 16.41 -7.27 11.40
N TRP A 177 15.50 -7.29 12.38
CA TRP A 177 15.66 -8.21 13.50
C TRP A 177 15.37 -9.64 13.09
N LEU A 178 14.37 -9.85 12.23
CA LEU A 178 14.01 -11.20 11.82
C LEU A 178 15.08 -11.80 10.90
N THR A 179 15.68 -10.98 10.04
CA THR A 179 16.69 -11.44 9.10
C THR A 179 18.11 -11.25 9.59
N GLY A 180 18.38 -10.21 10.38
CA GLY A 180 19.74 -9.86 10.75
C GLY A 180 20.52 -9.21 9.63
N GLN A 181 19.93 -9.04 8.45
CA GLN A 181 20.64 -8.55 7.28
C GLN A 181 20.00 -7.28 6.73
N SER A 188 17.67 1.00 -4.11
CA SER A 188 16.78 1.11 -5.26
C SER A 188 17.31 2.08 -6.31
N GLY A 189 17.68 3.27 -5.86
CA GLY A 189 18.12 4.31 -6.77
C GLY A 189 16.99 5.13 -7.36
N TRP A 190 15.75 4.87 -7.00
CA TRP A 190 14.60 5.60 -7.48
C TRP A 190 14.05 6.51 -6.39
N ALA A 191 13.35 7.55 -6.83
CA ALA A 191 12.70 8.49 -5.92
C ALA A 191 11.39 8.93 -6.54
N ASN A 192 10.57 9.61 -5.72
CA ASN A 192 9.22 9.99 -6.15
C ASN A 192 8.92 11.38 -5.62
N PHE A 193 8.84 12.36 -6.52
CA PHE A 193 8.25 13.64 -6.17
C PHE A 193 6.75 13.45 -5.92
N ARG A 194 6.22 14.21 -4.96
CA ARG A 194 4.82 14.13 -4.59
C ARG A 194 4.36 15.51 -4.18
N ALA A 195 3.23 15.98 -4.74
CA ALA A 195 2.84 17.36 -4.54
C ALA A 195 1.33 17.51 -4.66
N HIS A 196 0.85 18.63 -4.13
CA HIS A 196 -0.56 19.01 -4.15
C HIS A 196 -0.64 20.52 -4.33
N MET A 197 -1.73 21.00 -4.91
CA MET A 197 -1.84 22.42 -5.20
C MET A 197 -3.30 22.79 -5.43
N THR A 198 -3.58 24.08 -5.25
CA THR A 198 -4.81 24.69 -5.74
C THR A 198 -4.58 25.27 -7.12
N THR A 199 -5.66 25.40 -7.89
CA THR A 199 -5.57 25.73 -9.31
C THR A 199 -5.88 27.20 -9.61
N GLU A 200 -5.92 28.06 -8.60
CA GLU A 200 -6.27 29.46 -8.84
C GLU A 200 -5.21 30.16 -9.68
N GLN A 201 -3.94 30.07 -9.28
CA GLN A 201 -2.87 30.69 -10.07
C GLN A 201 -2.70 29.98 -11.40
N LEU A 202 -2.90 28.66 -11.42
CA LEU A 202 -2.73 27.88 -12.64
C LEU A 202 -3.79 28.21 -13.68
N ALA A 203 -5.00 28.60 -13.24
CA ALA A 203 -6.07 28.92 -14.18
C ALA A 203 -5.76 30.17 -15.00
N LYS A 204 -4.91 31.07 -14.49
CA LYS A 204 -4.53 32.26 -15.24
C LYS A 204 -3.50 31.96 -16.33
N ASP A 205 -2.74 30.88 -16.18
CA ASP A 205 -1.66 30.56 -17.12
C ASP A 205 -2.23 29.80 -18.31
N PRO A 206 -2.26 30.39 -19.52
CA PRO A 206 -2.81 29.66 -20.67
C PRO A 206 -1.97 28.47 -21.09
N GLU A 207 -0.71 28.38 -20.67
CA GLU A 207 0.09 27.19 -20.93
C GLU A 207 -0.20 26.06 -19.96
N ALA A 208 -0.95 26.32 -18.88
CA ALA A 208 -1.29 25.32 -17.89
C ALA A 208 -2.79 25.13 -17.72
N SER A 209 -3.62 26.08 -18.13
CA SER A 209 -5.06 26.00 -17.90
C SER A 209 -5.69 24.79 -18.58
N TRP A 210 -5.03 24.20 -19.58
CA TRP A 210 -5.57 23.04 -20.27
C TRP A 210 -5.94 21.92 -19.31
N VAL A 211 -5.18 21.79 -18.20
CA VAL A 211 -5.39 20.67 -17.29
C VAL A 211 -6.73 20.76 -16.56
N LEU A 212 -7.36 21.93 -16.56
CA LEU A 212 -8.64 22.11 -15.89
C LEU A 212 -9.84 21.70 -16.76
N GLN A 213 -9.60 21.23 -17.98
CA GLN A 213 -10.69 20.93 -18.89
C GLN A 213 -11.51 19.74 -18.39
N GLY A 214 -12.84 19.89 -18.43
CA GLY A 214 -13.73 18.83 -18.01
C GLY A 214 -13.60 18.40 -16.57
N THR A 215 -13.05 19.25 -15.69
CA THR A 215 -12.81 18.85 -14.32
C THR A 215 -14.03 19.04 -13.44
N ARG A 216 -14.87 20.04 -13.74
CA ARG A 216 -16.11 20.22 -12.99
C ARG A 216 -17.00 18.98 -13.09
N GLU A 217 -17.02 18.35 -14.27
CA GLU A 217 -17.84 17.17 -14.47
C GLU A 217 -17.24 15.94 -13.78
N LYS A 218 -15.92 15.80 -13.82
CA LYS A 218 -15.30 14.54 -13.48
C LYS A 218 -13.82 14.75 -13.25
N ASP A 219 -13.26 14.10 -12.23
CA ASP A 219 -11.82 14.17 -12.00
C ASP A 219 -11.08 13.54 -13.16
N ARG A 220 -9.99 14.20 -13.57
CA ARG A 220 -9.21 13.77 -14.72
C ARG A 220 -7.82 13.32 -14.28
N VAL A 221 -7.27 12.37 -15.03
CA VAL A 221 -5.96 11.79 -14.74
C VAL A 221 -5.14 11.77 -16.02
N TYR A 222 -3.93 12.30 -15.94
CA TYR A 222 -2.98 12.30 -17.05
C TYR A 222 -1.67 11.68 -16.56
N VAL A 223 -1.10 10.80 -17.38
CA VAL A 223 0.14 10.11 -17.02
C VAL A 223 1.09 10.13 -18.22
N TRP A 224 2.35 10.48 -17.98
CA TRP A 224 3.39 10.53 -18.99
C TRP A 224 4.44 9.46 -18.69
N PHE A 225 4.82 8.69 -19.71
CA PHE A 225 5.86 7.67 -19.59
C PHE A 225 6.96 7.94 -20.61
N GLY A 226 8.20 7.73 -20.20
CA GLY A 226 9.29 7.73 -21.16
C GLY A 226 10.65 8.13 -20.61
N ASP A 227 11.69 7.57 -21.23
CA ASP A 227 13.09 7.94 -20.97
C ASP A 227 13.44 7.85 -19.48
N GLY A 228 12.96 6.79 -18.83
CA GLY A 228 13.29 6.57 -17.44
C GLY A 228 12.59 7.49 -16.46
N ILE A 229 11.45 8.06 -16.85
CA ILE A 229 10.70 8.99 -16.00
C ILE A 229 9.22 8.69 -16.14
N ASN A 230 8.49 8.77 -15.03
CA ASN A 230 7.04 8.66 -15.01
C ASN A 230 6.46 9.86 -14.28
N LEU A 231 5.38 10.41 -14.82
CA LEU A 231 4.70 11.55 -14.23
C LEU A 231 3.19 11.33 -14.32
N ALA A 232 2.50 11.57 -13.22
CA ALA A 232 1.05 11.44 -13.16
C ALA A 232 0.46 12.70 -12.55
N ILE A 233 -0.58 13.24 -13.16
CA ILE A 233 -1.29 14.41 -12.66
C ILE A 233 -2.75 14.06 -12.50
N MET A 234 -3.34 14.44 -11.37
CA MET A 234 -4.71 14.08 -11.04
C MET A 234 -5.44 15.31 -10.53
N THR A 235 -6.59 15.62 -11.11
CA THR A 235 -7.41 16.74 -10.66
C THR A 235 -8.41 16.25 -9.62
N MET A 236 -8.80 17.16 -8.73
CA MET A 236 -9.70 16.85 -7.63
C MET A 236 -10.61 18.03 -7.36
N LYS A 237 -11.78 17.72 -6.77
CA LYS A 237 -12.71 18.72 -6.25
C LYS A 237 -13.14 19.72 -7.34
N ARG A 238 -13.71 19.16 -8.41
CA ARG A 238 -14.24 19.95 -9.52
C ARG A 238 -13.17 20.87 -10.11
N GLY A 239 -11.92 20.41 -10.10
CA GLY A 239 -10.82 21.16 -10.67
C GLY A 239 -10.25 22.25 -9.79
N GLN A 240 -10.71 22.36 -8.55
CA GLN A 240 -10.15 23.34 -7.63
C GLN A 240 -8.83 22.90 -7.03
N GLU A 241 -8.52 21.61 -7.07
CA GLU A 241 -7.26 21.09 -6.56
C GLU A 241 -6.71 20.06 -7.53
N LEU A 242 -5.41 19.80 -7.41
CA LEU A 242 -4.78 18.71 -8.15
C LEU A 242 -3.58 18.22 -7.37
N ALA A 243 -3.18 16.98 -7.66
CA ALA A 243 -1.99 16.38 -7.09
C ALA A 243 -1.22 15.68 -8.20
N TRP A 244 0.09 15.58 -8.02
CA TRP A 244 0.92 14.91 -9.02
C TRP A 244 2.06 14.16 -8.35
N ALA A 245 2.57 13.17 -9.08
CA ALA A 245 3.65 12.32 -8.61
C ALA A 245 4.62 12.10 -9.76
N LEU A 246 5.91 12.28 -9.50
CA LEU A 246 6.95 12.15 -10.52
C LEU A 246 7.98 11.15 -10.02
N MET A 247 7.99 9.96 -10.63
CA MET A 247 9.00 8.96 -10.30
C MET A 247 10.23 9.20 -11.16
N HIS A 248 11.40 9.18 -10.52
CA HIS A 248 12.64 9.60 -11.17
C HIS A 248 13.81 8.92 -10.48
N THR A 249 14.98 9.05 -11.09
CA THR A 249 16.19 8.54 -10.47
C THR A 249 16.59 9.45 -9.31
N ASP A 250 17.07 8.83 -8.23
CA ASP A 250 17.32 9.56 -6.99
C ASP A 250 18.35 10.66 -7.20
N LYS A 251 18.12 11.80 -6.53
CA LYS A 251 19.03 12.93 -6.64
C LYS A 251 20.42 12.56 -6.17
N PHE A 252 21.43 13.14 -6.83
CA PHE A 252 22.81 12.84 -6.48
C PHE A 252 23.19 13.55 -5.18
N ASN A 253 23.79 12.79 -4.26
CA ASN A 253 24.32 13.35 -3.03
C ASN A 253 25.80 12.98 -2.91
N ALA A 254 26.55 13.82 -2.21
CA ALA A 254 27.99 13.62 -2.10
C ALA A 254 28.32 12.49 -1.13
N HIS A 255 29.60 12.13 -1.11
CA HIS A 255 30.09 11.06 -0.24
C HIS A 255 29.81 11.34 1.23
N GLU A 256 30.36 12.45 1.73
CA GLU A 256 30.26 12.84 3.13
C GLU A 256 29.36 14.07 3.17
N SER A 257 28.05 13.83 3.12
CA SER A 257 27.06 14.85 2.80
C SER A 257 26.01 14.92 3.90
N TRP A 258 25.27 16.04 3.93
CA TRP A 258 24.25 16.26 4.94
C TRP A 258 23.18 15.16 4.88
N ALA A 259 22.88 14.57 6.03
CA ALA A 259 22.02 13.41 6.12
C ALA A 259 20.54 13.75 6.19
N GLY A 260 20.15 14.98 5.85
CA GLY A 260 18.76 15.37 5.88
C GLY A 260 18.11 15.31 4.50
N GLY A 261 16.79 15.50 4.50
CA GLY A 261 16.02 15.44 3.28
C GLY A 261 15.93 16.77 2.56
N ARG A 262 15.54 16.71 1.29
CA ARG A 262 15.49 17.90 0.45
C ARG A 262 14.47 17.68 -0.66
N ALA A 263 13.87 18.78 -1.10
CA ALA A 263 12.88 18.73 -2.18
C ALA A 263 12.74 20.12 -2.79
N SER A 264 13.07 20.25 -4.07
CA SER A 264 12.98 21.50 -4.79
C SER A 264 12.23 21.29 -6.10
N ILE A 265 11.33 22.23 -6.42
CA ILE A 265 10.57 22.14 -7.67
C ILE A 265 11.50 22.29 -8.87
N ASP A 266 12.62 22.99 -8.69
CA ASP A 266 13.57 23.15 -9.79
C ASP A 266 14.19 21.82 -10.20
N ASP A 267 14.40 20.91 -9.26
CA ASP A 267 14.91 19.59 -9.61
C ASP A 267 13.84 18.77 -10.34
N ALA A 268 12.58 18.90 -9.94
CA ALA A 268 11.50 18.25 -10.66
C ALA A 268 11.38 18.79 -12.08
N LEU A 269 11.50 20.10 -12.23
CA LEU A 269 11.47 20.69 -13.57
C LEU A 269 12.70 20.29 -14.38
N ALA A 270 13.87 20.27 -13.74
CA ALA A 270 15.08 19.84 -14.45
C ALA A 270 14.97 18.38 -14.87
N THR A 271 14.35 17.55 -14.05
CA THR A 271 14.13 16.15 -14.41
C THR A 271 13.37 16.02 -15.73
N LEU A 272 12.41 16.93 -15.97
CA LEU A 272 11.59 16.89 -17.18
C LEU A 272 12.21 17.61 -18.36
N SER A 273 13.33 18.32 -18.17
CA SER A 273 13.92 19.08 -19.26
C SER A 273 14.31 18.23 -20.46
N PRO A 274 14.88 17.02 -20.32
CA PRO A 274 15.21 16.23 -21.52
C PRO A 274 14.01 15.75 -22.31
N TRP A 275 12.80 15.87 -21.79
CA TRP A 275 11.61 15.41 -22.51
C TRP A 275 11.28 16.38 -23.64
N PRO A 276 11.10 15.88 -24.87
CA PRO A 276 10.64 16.76 -25.95
C PRO A 276 9.24 17.31 -25.71
N GLY A 277 8.41 16.61 -24.95
CA GLY A 277 7.07 17.09 -24.64
C GLY A 277 6.96 17.66 -23.24
N ARG A 278 8.03 18.31 -22.77
CA ARG A 278 8.09 18.80 -21.40
C ARG A 278 7.17 19.97 -21.15
N LEU A 279 6.75 20.69 -22.20
CA LEU A 279 6.11 22.00 -22.05
C LEU A 279 4.87 21.91 -21.16
N ARG A 280 3.87 21.15 -21.61
CA ARG A 280 2.59 21.11 -20.90
C ARG A 280 2.70 20.54 -19.48
N PRO A 281 3.40 19.44 -19.23
CA PRO A 281 3.56 19.01 -17.83
C PRO A 281 4.31 20.03 -16.97
N SER A 282 5.42 20.57 -17.47
CA SER A 282 6.21 21.52 -16.69
C SER A 282 5.41 22.80 -16.44
N SER A 283 4.64 23.26 -17.43
CA SER A 283 3.81 24.45 -17.24
C SER A 283 2.79 24.28 -16.13
N VAL A 284 2.43 23.04 -15.81
CA VAL A 284 1.47 22.77 -14.73
C VAL A 284 2.17 22.70 -13.38
N ILE A 285 3.23 21.89 -13.27
CA ILE A 285 3.84 21.65 -11.97
C ILE A 285 4.65 22.83 -11.46
N ARG A 286 5.07 23.74 -12.35
CA ARG A 286 5.86 24.89 -11.90
C ARG A 286 5.07 25.83 -11.01
N HIS A 287 3.76 25.64 -10.89
CA HIS A 287 2.92 26.40 -9.97
C HIS A 287 2.83 25.76 -8.60
N THR A 288 3.67 24.76 -8.32
CA THR A 288 3.65 24.09 -7.02
C THR A 288 4.36 24.94 -5.98
N LEU A 289 3.71 25.11 -4.83
CA LEU A 289 4.34 25.81 -3.73
C LEU A 289 5.37 24.93 -3.04
N PRO A 290 6.48 25.49 -2.56
CA PRO A 290 7.55 24.64 -2.01
C PRO A 290 7.14 23.91 -0.73
N GLU A 291 6.20 24.46 0.04
CA GLU A 291 5.76 23.79 1.26
C GLU A 291 4.88 22.57 0.99
N LYS A 292 4.39 22.39 -0.24
CA LYS A 292 3.51 21.28 -0.58
C LYS A 292 4.18 20.25 -1.47
N LEU A 293 5.51 20.13 -1.41
CA LEU A 293 6.26 19.22 -2.25
C LEU A 293 7.20 18.39 -1.40
N VAL A 294 7.25 17.09 -1.69
CA VAL A 294 8.21 16.17 -1.09
C VAL A 294 8.89 15.36 -2.19
N ASP A 295 9.98 14.71 -1.82
CA ASP A 295 10.73 13.84 -2.73
C ASP A 295 11.21 12.66 -1.91
N HIS A 296 10.46 11.56 -1.94
CA HIS A 296 10.74 10.39 -1.12
C HIS A 296 11.41 9.30 -1.94
N ALA A 297 12.50 8.76 -1.41
CA ALA A 297 13.15 7.62 -2.04
C ALA A 297 12.26 6.39 -1.91
N LEU A 298 12.23 5.59 -2.98
CA LEU A 298 11.40 4.38 -3.01
C LEU A 298 12.24 3.19 -2.57
N ILE A 299 11.72 2.43 -1.61
CA ILE A 299 12.42 1.26 -1.07
C ILE A 299 11.89 0.02 -1.78
N TYR A 300 12.80 -0.84 -2.22
CA TYR A 300 12.44 -2.14 -2.75
C TYR A 300 13.45 -3.17 -2.26
N ARG A 301 12.93 -4.34 -1.89
CA ARG A 301 13.76 -5.45 -1.50
C ARG A 301 13.14 -6.70 -2.13
N PRO A 302 13.97 -7.61 -2.66
CA PRO A 302 13.45 -8.83 -3.28
C PRO A 302 12.74 -9.71 -2.27
N PRO A 303 11.97 -10.71 -2.71
CA PRO A 303 11.22 -11.54 -1.77
C PRO A 303 12.13 -12.16 -0.70
N LEU A 304 11.62 -12.18 0.53
CA LEU A 304 12.34 -12.75 1.66
C LEU A 304 12.26 -14.27 1.64
N ASP A 305 13.19 -14.90 2.36
CA ASP A 305 13.12 -16.34 2.54
C ASP A 305 11.92 -16.73 3.39
N THR A 306 11.55 -15.89 4.36
CA THR A 306 10.42 -16.18 5.24
C THR A 306 9.98 -14.88 5.91
N TRP A 307 8.69 -14.83 6.25
CA TRP A 307 8.12 -13.71 6.99
C TRP A 307 8.02 -14.01 8.49
N VAL A 308 8.40 -15.21 8.92
CA VAL A 308 8.13 -15.71 10.26
C VAL A 308 9.46 -15.94 10.96
N SER A 309 9.51 -15.57 12.24
CA SER A 309 10.72 -15.76 13.05
C SER A 309 10.97 -17.25 13.31
N ALA A 310 12.14 -17.53 13.90
CA ALA A 310 12.51 -18.91 14.19
C ALA A 310 11.55 -19.54 15.19
N GLY A 311 11.23 -18.80 16.26
CA GLY A 311 10.26 -19.28 17.23
C GLY A 311 8.85 -19.39 16.69
N GLY A 312 8.52 -18.65 15.64
CA GLY A 312 7.22 -18.74 15.02
C GLY A 312 6.15 -17.85 15.60
N ARG A 313 6.51 -16.91 16.47
CA ARG A 313 5.53 -16.01 17.09
C ARG A 313 5.73 -14.55 16.69
N VAL A 314 6.64 -14.28 15.75
CA VAL A 314 6.81 -12.94 15.19
C VAL A 314 6.70 -13.06 13.68
N MET A 315 5.81 -12.27 13.09
CA MET A 315 5.52 -12.37 11.67
C MET A 315 5.47 -10.98 11.03
N LEU A 316 6.02 -10.89 9.82
CA LEU A 316 5.99 -9.66 9.04
C LEU A 316 4.82 -9.68 8.06
N ILE A 317 4.19 -8.53 7.88
CA ILE A 317 3.15 -8.34 6.87
C ILE A 317 3.36 -6.98 6.22
N GLY A 318 2.61 -6.76 5.14
CA GLY A 318 2.63 -5.48 4.46
C GLY A 318 3.98 -5.13 3.86
N ASP A 319 4.26 -3.83 3.82
CA ASP A 319 5.49 -3.35 3.19
C ASP A 319 6.74 -3.92 3.86
N ALA A 320 6.66 -4.24 5.16
CA ALA A 320 7.81 -4.85 5.84
C ALA A 320 8.19 -6.18 5.19
N ALA A 321 7.22 -6.89 4.64
CA ALA A 321 7.47 -8.19 4.04
C ALA A 321 7.65 -8.11 2.53
N HIS A 322 6.83 -7.31 1.85
CA HIS A 322 6.76 -7.31 0.38
C HIS A 322 6.56 -5.90 -0.14
N PRO A 323 7.61 -5.08 -0.17
CA PRO A 323 7.49 -3.73 -0.74
C PRO A 323 7.38 -3.78 -2.26
N TYR A 324 6.40 -3.06 -2.80
CA TYR A 324 6.11 -3.06 -4.22
C TYR A 324 6.63 -1.79 -4.88
N PHE A 325 6.98 -1.90 -6.16
CA PHE A 325 7.13 -0.72 -6.99
C PHE A 325 5.74 -0.16 -7.27
N PRO A 326 5.50 1.12 -7.02
CA PRO A 326 4.12 1.65 -7.10
C PRO A 326 3.60 1.76 -8.53
N VAL A 327 3.25 0.63 -9.15
CA VAL A 327 2.71 0.62 -10.50
C VAL A 327 1.62 -0.43 -10.61
N VAL A 328 1.29 -1.07 -9.50
CA VAL A 328 0.30 -2.15 -9.49
C VAL A 328 -0.96 -1.79 -8.70
N GLY A 329 -0.95 -0.72 -7.92
CA GLY A 329 -2.12 -0.32 -7.15
C GLY A 329 -2.65 -1.39 -6.23
N GLN A 330 -1.75 -2.14 -5.59
CA GLN A 330 -2.16 -3.24 -4.72
C GLN A 330 -1.31 -3.34 -3.46
N GLY A 331 -0.47 -2.34 -3.17
CA GLY A 331 0.34 -2.36 -1.96
C GLY A 331 -0.49 -2.41 -0.69
N GLY A 332 -1.37 -1.43 -0.50
CA GLY A 332 -2.20 -1.42 0.68
C GLY A 332 -3.19 -2.57 0.72
N SER A 333 -3.79 -2.89 -0.43
CA SER A 333 -4.75 -3.99 -0.50
C SER A 333 -4.12 -5.30 -0.09
N GLN A 334 -2.89 -5.58 -0.57
CA GLN A 334 -2.22 -6.81 -0.17
C GLN A 334 -1.83 -6.79 1.31
N ALA A 335 -1.52 -5.60 1.85
CA ALA A 335 -1.30 -5.48 3.29
C ALA A 335 -2.59 -5.80 4.05
N ILE A 336 -3.73 -5.39 3.50
CA ILE A 336 -5.02 -5.69 4.12
C ILE A 336 -5.29 -7.19 4.06
N GLU A 337 -5.00 -7.82 2.91
CA GLU A 337 -5.16 -9.27 2.81
C GLU A 337 -4.26 -9.98 3.80
N ASP A 338 -3.04 -9.47 4.00
CA ASP A 338 -2.14 -10.02 5.02
C ASP A 338 -2.80 -10.00 6.39
N GLY A 339 -3.29 -8.83 6.81
CA GLY A 339 -3.86 -8.71 8.14
C GLY A 339 -5.08 -9.59 8.35
N VAL A 340 -5.89 -9.77 7.31
CA VAL A 340 -7.10 -10.58 7.44
C VAL A 340 -6.75 -12.05 7.59
N VAL A 341 -5.89 -12.56 6.71
CA VAL A 341 -5.53 -13.98 6.75
C VAL A 341 -4.84 -14.33 8.05
N VAL A 342 -3.94 -13.46 8.52
CA VAL A 342 -3.25 -13.70 9.78
C VAL A 342 -4.26 -13.82 10.92
N ALA A 343 -5.20 -12.89 10.98
CA ALA A 343 -6.21 -12.93 12.03
C ALA A 343 -7.12 -14.13 11.88
N THR A 344 -7.51 -14.46 10.64
CA THR A 344 -8.36 -15.62 10.41
C THR A 344 -7.64 -16.91 10.77
N ALA A 345 -6.35 -16.99 10.45
CA ALA A 345 -5.59 -18.21 10.74
C ALA A 345 -5.42 -18.42 12.24
N LEU A 346 -5.18 -17.34 12.99
CA LEU A 346 -5.05 -17.45 14.44
C LEU A 346 -6.33 -18.03 15.06
N GLU A 347 -7.48 -17.62 14.55
CA GLU A 347 -8.76 -18.11 15.07
C GLU A 347 -8.91 -19.61 14.84
N LEU A 348 -8.46 -20.10 13.68
CA LEU A 348 -8.70 -21.48 13.31
C LEU A 348 -7.67 -22.44 13.91
N ALA A 349 -6.46 -21.97 14.18
CA ALA A 349 -5.44 -22.83 14.78
C ALA A 349 -5.59 -22.91 16.29
N GLY A 350 -6.05 -21.84 16.94
CA GLY A 350 -6.28 -21.85 18.36
C GLY A 350 -5.07 -21.41 19.18
N LYS A 351 -5.29 -21.31 20.48
CA LYS A 351 -4.25 -20.83 21.40
C LYS A 351 -2.98 -21.68 21.30
N GLU A 352 -3.14 -22.99 21.31
CA GLU A 352 -2.00 -23.91 21.39
C GLU A 352 -1.37 -24.18 20.04
N ASN A 353 -1.71 -23.40 19.00
CA ASN A 353 -1.07 -23.54 17.70
C ASN A 353 -0.91 -22.17 17.04
N VAL A 354 -0.55 -21.17 17.83
CA VAL A 354 -0.20 -19.86 17.27
C VAL A 354 0.94 -19.97 16.25
N PRO A 355 2.05 -20.66 16.53
CA PRO A 355 3.09 -20.77 15.50
C PRO A 355 2.61 -21.45 14.23
N LEU A 356 1.69 -22.41 14.35
CA LEU A 356 1.13 -23.06 13.17
C LEU A 356 0.33 -22.06 12.34
N ALA A 357 -0.51 -21.26 12.99
CA ALA A 357 -1.33 -20.29 12.28
C ALA A 357 -0.48 -19.32 11.46
N LEU A 358 0.61 -18.83 12.04
CA LEU A 358 1.47 -17.90 11.32
C LEU A 358 2.27 -18.59 10.23
N ARG A 359 2.63 -19.86 10.45
CA ARG A 359 3.18 -20.67 9.38
C ARG A 359 2.16 -20.93 8.29
N VAL A 360 0.88 -21.07 8.68
CA VAL A 360 -0.17 -21.30 7.70
C VAL A 360 -0.45 -20.04 6.90
N ALA A 361 -0.60 -18.90 7.59
CA ALA A 361 -0.85 -17.64 6.89
C ALA A 361 0.28 -17.32 5.93
N GLU A 362 1.52 -17.68 6.29
CA GLU A 362 2.67 -17.38 5.44
C GLU A 362 2.56 -18.09 4.09
N LYS A 363 2.31 -19.40 4.11
CA LYS A 363 2.24 -20.14 2.86
C LYS A 363 0.97 -19.86 2.06
N ILE A 364 -0.04 -19.22 2.67
CA ILE A 364 -1.19 -18.76 1.89
C ILE A 364 -0.88 -17.42 1.23
N ARG A 365 -0.16 -16.54 1.93
CA ARG A 365 0.05 -15.18 1.47
C ARG A 365 1.29 -15.01 0.61
N TYR A 366 2.39 -15.70 0.96
CA TYR A 366 3.66 -15.50 0.27
C TYR A 366 3.56 -15.62 -1.24
N PRO A 367 2.94 -16.66 -1.81
CA PRO A 367 2.89 -16.73 -3.28
C PRO A 367 2.14 -15.57 -3.90
N ARG A 368 1.00 -15.19 -3.32
CA ARG A 368 0.17 -14.15 -3.90
C ARG A 368 0.84 -12.78 -3.83
N ALA A 369 1.49 -12.49 -2.71
CA ALA A 369 2.18 -11.20 -2.58
C ALA A 369 3.48 -11.17 -3.37
N THR A 370 4.11 -12.32 -3.60
CA THR A 370 5.38 -12.36 -4.30
C THR A 370 5.20 -12.25 -5.81
N VAL A 371 4.16 -12.89 -6.35
CA VAL A 371 3.84 -12.72 -7.77
C VAL A 371 3.61 -11.25 -8.09
N ILE A 372 2.81 -10.58 -7.25
CA ILE A 372 2.55 -9.15 -7.46
C ILE A 372 3.81 -8.34 -7.22
N GLN A 373 4.63 -8.75 -6.24
CA GLN A 373 5.87 -8.04 -5.97
C GLN A 373 6.80 -8.09 -7.18
N LEU A 374 7.07 -9.30 -7.69
CA LEU A 374 7.89 -9.43 -8.88
C LEU A 374 7.22 -8.82 -10.10
N GLY A 375 5.88 -8.88 -10.15
CA GLY A 375 5.16 -8.28 -11.26
C GLY A 375 5.34 -6.78 -11.32
N SER A 376 5.49 -6.12 -10.17
CA SER A 376 5.73 -4.68 -10.17
C SER A 376 7.14 -4.37 -10.60
N SER A 377 8.09 -5.28 -10.35
CA SER A 377 9.45 -5.07 -10.81
C SER A 377 9.55 -5.20 -12.33
N THR A 378 8.82 -6.14 -12.91
CA THR A 378 8.84 -6.30 -14.36
C THR A 378 8.11 -5.14 -15.04
N LEU A 379 6.92 -4.81 -14.56
CA LEU A 379 6.15 -3.72 -15.14
C LEU A 379 6.86 -2.38 -14.98
N GLN A 380 7.74 -2.25 -13.98
CA GLN A 380 8.44 -1.00 -13.75
C GLN A 380 9.45 -0.72 -14.87
N GLU A 381 10.15 -1.77 -15.33
CA GLU A 381 11.06 -1.60 -16.44
C GLU A 381 10.32 -1.23 -17.73
N HIS A 382 9.15 -1.83 -17.95
CA HIS A 382 8.42 -1.61 -19.20
C HIS A 382 7.80 -0.22 -19.27
N LEU A 383 7.48 0.38 -18.13
CA LEU A 383 6.82 1.68 -18.12
C LEU A 383 7.80 2.86 -18.10
N PHE A 384 9.08 2.61 -17.85
CA PHE A 384 10.09 3.66 -17.87
C PHE A 384 10.90 3.68 -19.15
N TRP A 385 11.12 2.51 -19.76
CA TRP A 385 11.80 2.39 -21.06
C TRP A 385 10.97 1.46 -21.93
N PRO A 386 9.87 1.94 -22.47
CA PRO A 386 8.94 1.06 -23.20
C PRO A 386 9.43 0.78 -24.61
N ASP A 387 8.94 -0.35 -25.15
CA ASP A 387 9.12 -0.69 -26.55
C ASP A 387 7.97 -0.04 -27.31
N TRP A 388 8.22 1.16 -27.83
CA TRP A 388 7.15 1.95 -28.45
C TRP A 388 6.58 1.29 -29.70
N GLU A 389 7.29 0.32 -30.29
CA GLU A 389 6.74 -0.43 -31.42
C GLU A 389 5.55 -1.27 -30.97
N ALA A 390 5.73 -2.08 -29.92
CA ALA A 390 4.65 -2.92 -29.42
C ALA A 390 3.50 -2.09 -28.90
N VAL A 391 3.79 -0.95 -28.27
CA VAL A 391 2.73 -0.06 -27.79
C VAL A 391 1.91 0.47 -28.96
N ALA A 392 2.59 0.89 -30.03
CA ALA A 392 1.89 1.37 -31.21
C ALA A 392 1.06 0.25 -31.85
N LYS A 393 1.58 -0.97 -31.83
CA LYS A 393 0.85 -2.10 -32.41
C LYS A 393 -0.36 -2.46 -31.56
N ASP A 394 -0.23 -2.36 -30.23
CA ASP A 394 -1.27 -2.80 -29.32
C ASP A 394 -1.14 -2.03 -28.01
N PRO A 395 -1.86 -0.90 -27.88
CA PRO A 395 -1.73 -0.07 -26.67
C PRO A 395 -2.26 -0.72 -25.39
N SER A 396 -2.71 -1.98 -25.44
CA SER A 396 -3.29 -2.59 -24.25
C SER A 396 -2.24 -2.91 -23.18
N VAL A 397 -0.95 -2.91 -23.54
CA VAL A 397 0.09 -3.28 -22.59
C VAL A 397 0.21 -2.23 -21.49
N PHE A 398 0.55 -1.00 -21.87
CA PHE A 398 0.66 0.13 -20.96
C PHE A 398 -0.47 0.18 -19.94
N ALA A 399 -1.69 0.19 -20.45
CA ALA A 399 -2.86 0.50 -19.65
C ALA A 399 -3.04 -0.48 -18.49
N PHE A 400 -3.65 0.02 -17.42
CA PHE A 400 -3.87 -0.72 -16.17
C PHE A 400 -4.32 -2.16 -16.41
N PRO A 403 -7.03 -7.63 -13.67
CA PRO A 403 -6.91 -9.06 -13.40
C PRO A 403 -7.95 -9.55 -12.41
N GLU A 404 -8.85 -10.43 -12.84
CA GLU A 404 -9.92 -10.89 -11.96
C GLU A 404 -9.39 -11.80 -10.86
N TRP A 405 -8.26 -12.48 -11.09
CA TRP A 405 -7.68 -13.32 -10.06
C TRP A 405 -7.13 -12.51 -8.89
N ILE A 406 -6.96 -11.20 -9.06
CA ILE A 406 -6.57 -10.32 -7.97
C ILE A 406 -7.80 -9.66 -7.39
N LEU A 407 -8.57 -8.98 -8.26
CA LEU A 407 -9.64 -8.10 -7.81
C LEU A 407 -10.89 -8.86 -7.37
N GLY A 408 -11.16 -10.02 -7.98
CA GLY A 408 -12.29 -10.81 -7.59
C GLY A 408 -12.06 -11.79 -6.47
N HIS A 409 -10.86 -11.80 -5.90
CA HIS A 409 -10.49 -12.77 -4.88
C HIS A 409 -11.02 -12.35 -3.51
N ASP A 410 -11.35 -13.36 -2.70
CA ASP A 410 -11.74 -13.18 -1.31
C ASP A 410 -10.79 -14.01 -0.46
N CYS A 411 -9.80 -13.33 0.15
CA CYS A 411 -8.81 -14.02 0.97
C CYS A 411 -9.45 -14.73 2.15
N ARG A 412 -10.57 -14.23 2.65
CA ARG A 412 -11.19 -14.80 3.83
C ARG A 412 -11.75 -16.19 3.55
N GLU A 413 -12.72 -16.28 2.63
CA GLU A 413 -13.30 -17.58 2.28
C GLU A 413 -12.25 -18.51 1.69
N TYR A 414 -11.27 -17.96 0.97
CA TYR A 414 -10.19 -18.79 0.45
C TYR A 414 -9.37 -19.39 1.58
N THR A 415 -9.10 -18.60 2.62
CA THR A 415 -8.38 -19.12 3.78
C THR A 415 -9.18 -20.23 4.47
N HIS A 416 -10.50 -20.07 4.56
CA HIS A 416 -11.33 -21.10 5.17
C HIS A 416 -11.30 -22.38 4.35
N GLN A 417 -11.24 -22.27 3.03
CA GLN A 417 -11.25 -23.45 2.18
C GLN A 417 -10.02 -24.31 2.40
N VAL A 418 -8.84 -23.69 2.49
CA VAL A 418 -7.57 -24.40 2.38
C VAL A 418 -6.87 -24.59 3.71
N PHE A 419 -7.44 -24.09 4.81
CA PHE A 419 -6.72 -24.08 6.09
C PHE A 419 -6.22 -25.47 6.46
N ASP A 420 -7.12 -26.46 6.52
CA ASP A 420 -6.71 -27.83 6.83
C ASP A 420 -5.68 -28.33 5.83
N THR A 421 -5.86 -28.00 4.55
CA THR A 421 -4.91 -28.44 3.53
C THR A 421 -3.53 -27.85 3.76
N VAL A 422 -3.48 -26.60 4.20
CA VAL A 422 -2.19 -25.94 4.47
C VAL A 422 -1.58 -26.47 5.76
N VAL A 423 -2.41 -26.70 6.78
CA VAL A 423 -1.92 -27.28 8.03
C VAL A 423 -1.25 -28.61 7.77
N ARG A 424 -1.90 -29.46 6.98
CA ARG A 424 -1.29 -30.74 6.62
C ARG A 424 -0.06 -30.56 5.74
N ALA A 425 0.02 -29.44 5.01
CA ALA A 425 1.19 -29.19 4.18
C ALA A 425 2.38 -28.73 5.01
N VAL A 426 2.16 -27.86 5.99
CA VAL A 426 3.24 -27.42 6.86
C VAL A 426 3.74 -28.59 7.71
N ARG A 427 2.81 -29.35 8.29
CA ARG A 427 3.18 -30.48 9.13
C ARG A 427 3.89 -31.57 8.32
N GLY A 428 3.57 -31.69 7.04
CA GLY A 428 4.19 -32.68 6.17
C GLY A 428 3.28 -33.79 5.72
N GLU A 429 2.00 -33.75 6.10
CA GLU A 429 1.07 -34.82 5.71
C GLU A 429 0.80 -34.80 4.21
N GLY A 430 0.87 -33.64 3.57
CA GLY A 430 0.57 -33.55 2.16
C GLY A 430 1.17 -32.31 1.52
N GLU A 431 0.65 -31.99 0.33
CA GLU A 431 1.11 -30.86 -0.45
C GLU A 431 0.02 -29.80 -0.56
N TYR A 432 0.45 -28.58 -0.85
CA TYR A 432 -0.45 -27.45 -1.02
C TYR A 432 -0.29 -26.90 -2.43
N ILE A 433 -1.37 -26.93 -3.20
CA ILE A 433 -1.41 -26.32 -4.53
C ILE A 433 -2.06 -24.94 -4.38
N PRO A 434 -1.27 -23.86 -4.39
CA PRO A 434 -1.87 -22.53 -4.23
C PRO A 434 -2.74 -22.17 -5.42
N ARG A 435 -4.00 -21.81 -5.14
CA ARG A 435 -4.95 -21.41 -6.16
C ARG A 435 -5.43 -19.97 -5.96
N ASN A 436 -4.72 -19.20 -5.15
CA ASN A 436 -4.93 -17.76 -5.05
C ASN A 436 -4.03 -16.99 -6.00
N ILE A 437 -3.36 -17.69 -6.91
CA ILE A 437 -2.56 -17.10 -7.98
C ILE A 437 -2.81 -17.85 -9.26
N PRO A 438 -2.49 -17.25 -10.41
CA PRO A 438 -2.69 -17.97 -11.67
C PRO A 438 -1.81 -19.21 -11.75
N ALA A 439 -2.31 -20.21 -12.49
CA ALA A 439 -1.51 -21.38 -12.79
C ALA A 439 -0.29 -20.99 -13.62
N ASP A 440 0.86 -21.60 -13.30
CA ASP A 440 2.14 -21.13 -13.81
C ASP A 440 2.32 -19.65 -13.51
N GLY A 441 2.18 -19.31 -12.22
CA GLY A 441 2.03 -17.96 -11.73
C GLY A 441 2.91 -16.87 -12.29
N ALA A 442 2.30 -15.98 -13.08
CA ALA A 442 2.96 -14.77 -13.55
C ALA A 442 1.97 -13.62 -13.50
N TYR A 443 2.49 -12.41 -13.31
CA TYR A 443 1.66 -11.22 -13.18
C TYR A 443 1.35 -10.60 -14.55
#